data_3VKD
#
_entry.id   3VKD
#
_cell.length_a   46.778
_cell.length_b   58.729
_cell.length_c   59.242
_cell.angle_alpha   97.83
_cell.angle_beta   112.62
_cell.angle_gamma   108.16
#
_symmetry.space_group_name_H-M   'P 1'
#
loop_
_entity.id
_entity.type
_entity.pdbx_description
1 polymer MoeO5
2 non-polymer 'MAGNESIUM ION'
3 non-polymer '(2R)-3-(phosphonooxy)-2-{[(2Z,6E)-3,7,11-trimethyldodeca-2,6,10-trien-1-yl]oxy}propanoic acid'
4 non-polymer 'PHOSPHATE ION'
5 water water
#
_entity_poly.entity_id   1
_entity_poly.type   'polypeptide(L)'
_entity_poly.pdbx_seq_one_letter_code
;AGAGAMNASPQLDHHTELHAAPPLWRPGRVLARLREHQPGPVHIIDPFKVPVTEAVEKAAELTRLGFAAVLLASTDYESF
ESHMEPYVAAVKAATPLPVVLHFPPRPGAGFPVVRGADALLLPALLGSGDDYFVWKSFLETLAAFPGRIPREEWPELLLT
VALTFGEDPRTGDLLGTVPVSTASTEEIDRYLHVARAFGFHMVYLYSRNEHVPPEVVRHFRKGLGPDQVLFVSGNVRSGR
QVTEYLDSGADYVGFAGALEQPDWRSALAEIAGRRPAAPARPGSGR
;
_entity_poly.pdbx_strand_id   A,B
#
# COMPACT_ATOMS: atom_id res chain seq x y z
N ALA A 21 18.44 10.58 6.17
CA ALA A 21 16.98 10.70 5.82
C ALA A 21 16.18 10.07 6.97
N PRO A 22 14.97 10.58 7.27
CA PRO A 22 14.24 9.94 8.38
C PRO A 22 13.83 8.52 7.97
N PRO A 23 13.79 7.55 8.92
CA PRO A 23 13.39 6.17 8.59
C PRO A 23 11.99 6.10 7.93
N LEU A 24 11.11 6.98 8.37
CA LEU A 24 9.76 7.10 7.88
C LEU A 24 9.07 5.74 7.91
N TRP A 25 8.85 5.13 6.75
CA TRP A 25 8.16 3.86 6.64
C TRP A 25 9.05 2.63 6.91
N ARG A 26 10.35 2.85 7.08
CA ARG A 26 11.25 1.74 7.37
C ARG A 26 11.28 1.59 8.91
N PRO A 27 11.62 0.40 9.38
CA PRO A 27 11.70 0.22 10.84
C PRO A 27 12.70 1.20 11.45
N GLY A 28 12.30 1.78 12.60
CA GLY A 28 13.14 2.71 13.32
C GLY A 28 13.28 2.40 14.81
N ARG A 29 13.56 3.44 15.60
CA ARG A 29 13.76 3.23 17.04
C ARG A 29 12.51 2.81 17.77
N VAL A 30 11.37 3.37 17.38
CA VAL A 30 10.14 3.02 18.10
C VAL A 30 9.75 1.57 17.84
N LEU A 31 9.79 1.13 16.59
CA LEU A 31 9.43 -0.26 16.32
C LEU A 31 10.40 -1.22 17.02
N ALA A 32 11.70 -0.88 17.01
CA ALA A 32 12.66 -1.72 17.70
C ALA A 32 12.30 -1.85 19.17
N ARG A 33 11.95 -0.73 19.79
CA ARG A 33 11.55 -0.80 21.21
C ARG A 33 10.32 -1.65 21.40
N LEU A 34 9.32 -1.47 20.52
CA LEU A 34 8.13 -2.31 20.68
C LEU A 34 8.42 -3.81 20.48
N ARG A 35 9.36 -4.12 19.60
CA ARG A 35 9.67 -5.50 19.34
C ARG A 35 10.46 -6.13 20.48
N GLU A 36 11.29 -5.35 21.13
CA GLU A 36 12.15 -5.91 22.18
C GLU A 36 11.61 -5.81 23.58
N HIS A 37 10.76 -4.84 23.83
CA HIS A 37 10.23 -4.66 25.21
C HIS A 37 9.34 -5.82 25.69
N GLN A 38 9.40 -6.05 27.02
CA GLN A 38 8.53 -7.06 27.60
C GLN A 38 7.07 -6.73 27.28
N PRO A 39 6.29 -7.76 26.92
CA PRO A 39 4.86 -7.56 26.61
C PRO A 39 4.14 -7.02 27.85
N GLY A 40 3.07 -6.28 27.62
CA GLY A 40 2.36 -5.76 28.77
C GLY A 40 1.27 -4.82 28.38
N PRO A 41 0.66 -4.16 29.34
CA PRO A 41 -0.42 -3.19 29.07
C PRO A 41 0.15 -1.92 28.50
N VAL A 42 -0.67 -1.19 27.75
CA VAL A 42 -0.23 0.14 27.23
C VAL A 42 -1.43 1.03 27.42
N HIS A 43 -1.26 2.12 28.21
CA HIS A 43 -2.36 3.07 28.37
C HIS A 43 -2.41 4.02 27.17
N ILE A 44 -3.65 4.25 26.73
CA ILE A 44 -3.92 5.11 25.60
C ILE A 44 -4.64 6.35 26.14
N ILE A 45 -4.05 7.52 25.91
CA ILE A 45 -4.62 8.77 26.37
C ILE A 45 -5.34 9.41 25.18
N ASP A 46 -6.61 9.74 25.36
CA ASP A 46 -7.35 10.42 24.27
C ASP A 46 -7.11 11.89 24.51
N PRO A 47 -6.28 12.54 23.69
CA PRO A 47 -5.93 13.93 23.91
C PRO A 47 -6.94 14.99 23.66
N PHE A 48 -8.03 14.57 23.07
CA PHE A 48 -9.08 15.54 22.79
C PHE A 48 -10.12 15.47 23.87
N LYS A 49 -9.97 14.51 24.79
CA LYS A 49 -10.91 14.39 25.93
C LYS A 49 -10.19 14.56 27.26
N VAL A 50 -8.93 14.18 27.34
CA VAL A 50 -8.20 14.24 28.63
C VAL A 50 -7.43 15.54 28.72
N PRO A 51 -7.65 16.34 29.78
CA PRO A 51 -6.90 17.61 29.92
C PRO A 51 -5.40 17.33 29.95
N VAL A 52 -4.58 18.20 29.37
CA VAL A 52 -3.16 17.97 29.33
C VAL A 52 -2.53 17.81 30.71
N THR A 53 -3.02 18.53 31.72
CA THR A 53 -2.42 18.39 33.05
C THR A 53 -2.60 16.96 33.55
N GLU A 54 -3.75 16.38 33.25
CA GLU A 54 -4.06 15.01 33.67
C GLU A 54 -3.22 14.02 32.84
N ALA A 55 -3.03 14.32 31.56
CA ALA A 55 -2.19 13.45 30.72
C ALA A 55 -0.75 13.44 31.29
N VAL A 56 -0.28 14.59 31.73
CA VAL A 56 1.08 14.67 32.27
C VAL A 56 1.19 13.86 33.56
N GLU A 57 0.20 13.96 34.42
CA GLU A 57 0.18 13.15 35.67
C GLU A 57 0.18 11.66 35.31
N LYS A 58 -0.69 11.31 34.36
CA LYS A 58 -0.73 9.90 33.95
C LYS A 58 0.59 9.44 33.37
N ALA A 59 1.18 10.24 32.48
CA ALA A 59 2.45 9.85 31.83
C ALA A 59 3.54 9.51 32.87
N ALA A 60 3.59 10.27 33.94
CA ALA A 60 4.57 10.00 34.98
C ALA A 60 4.32 8.62 35.58
N GLU A 61 3.07 8.22 35.76
CA GLU A 61 2.82 6.90 36.34
C GLU A 61 3.15 5.80 35.35
N LEU A 62 2.88 6.05 34.05
CA LEU A 62 3.18 5.01 33.08
C LEU A 62 4.67 4.70 33.01
N THR A 63 5.47 5.73 33.24
CA THR A 63 6.90 5.61 33.18
C THR A 63 7.30 4.70 34.35
N ARG A 64 6.77 5.01 35.53
CA ARG A 64 7.10 4.16 36.70
C ARG A 64 6.75 2.71 36.49
N LEU A 65 5.66 2.43 35.75
CA LEU A 65 5.25 1.05 35.50
C LEU A 65 6.07 0.38 34.37
N GLY A 66 6.90 1.16 33.71
CA GLY A 66 7.73 0.59 32.65
C GLY A 66 6.97 0.18 31.43
N PHE A 67 5.87 0.88 31.10
CA PHE A 67 5.20 0.53 29.87
C PHE A 67 6.07 0.84 28.65
N ALA A 68 5.77 0.19 27.53
CA ALA A 68 6.62 0.33 26.35
C ALA A 68 6.53 1.68 25.63
N ALA A 69 5.37 2.31 25.73
CA ALA A 69 5.14 3.56 25.01
C ALA A 69 3.89 4.20 25.58
N VAL A 70 3.67 5.43 25.17
CA VAL A 70 2.44 6.15 25.54
C VAL A 70 1.73 6.40 24.22
N LEU A 71 0.52 5.90 24.08
CA LEU A 71 -0.24 6.16 22.81
C LEU A 71 -1.18 7.29 23.04
N LEU A 72 -1.28 8.21 22.06
CA LEU A 72 -2.28 9.29 22.15
C LEU A 72 -3.19 8.93 20.96
N ALA A 73 -4.48 8.67 21.24
CA ALA A 73 -5.36 8.20 20.17
C ALA A 73 -6.78 8.60 20.38
N SER A 74 -7.50 8.82 19.29
CA SER A 74 -8.92 9.14 19.38
C SER A 74 -9.53 8.90 18.01
N THR A 75 -10.83 8.58 17.99
CA THR A 75 -11.53 8.47 16.72
C THR A 75 -11.84 9.90 16.20
N ASP A 76 -12.10 10.80 17.14
CA ASP A 76 -12.49 12.19 16.81
C ASP A 76 -11.39 13.19 17.05
N TYR A 77 -11.26 14.19 16.18
CA TYR A 77 -10.28 15.24 16.43
C TYR A 77 -10.61 16.46 15.63
N GLU A 78 -10.20 17.62 16.13
CA GLU A 78 -10.37 18.89 15.40
C GLU A 78 -9.20 19.79 15.77
N SER A 79 -8.84 20.72 14.89
CA SER A 79 -7.72 21.60 15.10
C SER A 79 -6.54 20.79 15.57
N PHE A 80 -6.24 19.70 14.83
CA PHE A 80 -5.22 18.78 15.28
C PHE A 80 -3.89 19.41 15.55
N GLU A 81 -3.37 20.14 14.56
CA GLU A 81 -2.05 20.65 14.77
C GLU A 81 -1.86 21.65 15.92
N SER A 82 -2.77 22.62 16.04
CA SER A 82 -2.59 23.55 17.14
C SER A 82 -2.87 22.94 18.48
N HIS A 83 -3.72 21.91 18.51
CA HIS A 83 -3.95 21.27 19.80
C HIS A 83 -2.81 20.33 20.20
N MET A 84 -2.36 19.53 19.22
CA MET A 84 -1.43 18.46 19.49
C MET A 84 0.02 18.83 19.64
N GLU A 85 0.46 19.91 18.98
CA GLU A 85 1.87 20.22 19.12
C GLU A 85 2.23 20.49 20.57
N PRO A 86 1.47 21.36 21.27
CA PRO A 86 1.85 21.59 22.67
C PRO A 86 1.49 20.39 23.57
N TYR A 87 0.45 19.61 23.20
CA TYR A 87 0.06 18.46 24.03
C TYR A 87 1.13 17.42 23.98
N VAL A 88 1.59 17.12 22.76
CA VAL A 88 2.70 16.18 22.66
C VAL A 88 3.96 16.67 23.41
N ALA A 89 4.27 17.96 23.29
CA ALA A 89 5.44 18.49 23.99
C ALA A 89 5.31 18.30 25.51
N ALA A 90 4.11 18.56 26.06
CA ALA A 90 3.91 18.41 27.50
C ALA A 90 4.10 16.95 27.93
N VAL A 91 3.54 16.02 27.14
CA VAL A 91 3.70 14.63 27.48
C VAL A 91 5.15 14.21 27.38
N LYS A 92 5.83 14.63 26.32
CA LYS A 92 7.24 14.25 26.17
C LYS A 92 8.10 14.79 27.32
N ALA A 93 7.73 15.95 27.86
CA ALA A 93 8.57 16.50 28.96
C ALA A 93 8.35 15.68 30.23
N ALA A 94 7.28 14.90 30.27
CA ALA A 94 6.90 14.13 31.44
C ALA A 94 7.28 12.67 31.44
N THR A 95 7.71 12.18 30.29
CA THR A 95 8.09 10.77 30.20
C THR A 95 9.12 10.55 29.11
N PRO A 96 10.01 9.54 29.30
CA PRO A 96 11.00 9.27 28.27
C PRO A 96 10.45 8.20 27.32
N LEU A 97 9.29 7.65 27.65
CA LEU A 97 8.66 6.62 26.73
C LEU A 97 8.30 7.27 25.39
N PRO A 98 8.39 6.50 24.30
CA PRO A 98 8.03 7.05 22.99
C PRO A 98 6.57 7.40 23.01
N VAL A 99 6.24 8.48 22.30
CA VAL A 99 4.87 8.96 22.23
C VAL A 99 4.43 8.64 20.81
N VAL A 100 3.38 7.84 20.70
CA VAL A 100 2.91 7.33 19.42
C VAL A 100 1.52 7.84 19.18
N LEU A 101 1.28 8.42 17.99
CA LEU A 101 -0.05 8.93 17.68
C LEU A 101 -0.89 7.92 16.90
N HIS A 102 -2.18 7.79 17.20
CA HIS A 102 -3.03 6.86 16.42
C HIS A 102 -4.40 7.50 16.17
N PHE A 103 -4.65 7.93 14.92
CA PHE A 103 -5.90 8.62 14.58
C PHE A 103 -6.28 8.19 13.15
N PRO A 104 -7.57 8.28 12.81
CA PRO A 104 -7.99 7.89 11.47
C PRO A 104 -7.59 9.01 10.51
N PRO A 105 -7.45 8.65 9.23
CA PRO A 105 -7.09 9.60 8.16
C PRO A 105 -8.36 10.23 7.61
N ARG A 106 -8.18 11.37 6.93
CA ARG A 106 -9.35 12.04 6.26
C ARG A 106 -8.93 12.29 4.81
N PRO A 107 -9.80 11.95 3.86
CA PRO A 107 -9.46 12.21 2.45
C PRO A 107 -9.18 13.70 2.24
N GLY A 108 -8.11 13.98 1.50
CA GLY A 108 -7.70 15.35 1.22
C GLY A 108 -6.55 15.73 2.12
N ALA A 109 -6.36 14.94 3.19
CA ALA A 109 -5.32 15.24 4.12
C ALA A 109 -4.45 14.06 4.47
N GLY A 110 -5.05 12.88 4.50
CA GLY A 110 -4.33 11.71 4.96
C GLY A 110 -4.34 11.66 6.49
N PHE A 111 -3.30 11.06 7.07
CA PHE A 111 -3.22 10.98 8.53
C PHE A 111 -2.73 12.27 9.12
N PRO A 112 -3.23 12.58 10.34
CA PRO A 112 -2.77 13.83 10.97
C PRO A 112 -1.39 13.65 11.57
N VAL A 113 -0.64 14.73 11.63
CA VAL A 113 0.74 14.61 12.16
C VAL A 113 1.18 15.92 12.80
N VAL A 114 1.98 15.81 13.85
CA VAL A 114 2.61 17.00 14.43
C VAL A 114 4.05 16.68 14.74
N ARG A 115 4.88 17.70 14.74
CA ARG A 115 6.27 17.48 15.08
C ARG A 115 6.29 17.19 16.57
N GLY A 116 7.31 16.45 16.95
CA GLY A 116 7.48 16.08 18.34
C GLY A 116 7.02 14.64 18.59
N ALA A 117 6.07 14.13 17.80
CA ALA A 117 5.70 12.74 18.07
C ALA A 117 6.81 11.82 17.66
N ASP A 118 7.02 10.72 18.42
CA ASP A 118 8.06 9.77 18.05
C ASP A 118 7.63 8.91 16.88
N ALA A 119 6.36 8.52 16.86
CA ALA A 119 5.86 7.71 15.72
C ALA A 119 4.38 7.95 15.50
N LEU A 120 3.93 7.68 14.28
CA LEU A 120 2.49 7.67 13.99
C LEU A 120 2.19 6.19 13.71
N LEU A 121 1.11 5.65 14.28
CA LEU A 121 0.69 4.30 14.00
C LEU A 121 -0.21 4.51 12.74
N LEU A 122 0.07 3.85 11.61
CA LEU A 122 -0.75 4.02 10.37
C LEU A 122 -1.61 2.78 10.20
N PRO A 123 -2.93 2.87 10.47
CA PRO A 123 -3.79 1.70 10.32
C PRO A 123 -4.29 1.48 8.89
N ALA A 124 -4.00 0.31 8.34
CA ALA A 124 -4.54 -0.14 7.04
C ALA A 124 -5.75 -0.96 7.46
N LEU A 125 -6.95 -0.41 7.17
CA LEU A 125 -8.20 -1.08 7.64
C LEU A 125 -8.64 -2.11 6.59
N LEU A 126 -8.04 -3.29 6.68
CA LEU A 126 -8.21 -4.27 5.61
C LEU A 126 -9.65 -4.78 5.43
N GLY A 127 -10.45 -4.58 6.48
CA GLY A 127 -11.86 -4.98 6.40
C GLY A 127 -12.80 -3.87 5.97
N SER A 128 -12.29 -2.72 5.56
CA SER A 128 -13.14 -1.65 5.12
C SER A 128 -13.60 -1.83 3.68
N GLY A 129 -14.85 -1.41 3.44
CA GLY A 129 -15.37 -1.43 2.08
C GLY A 129 -14.89 -0.21 1.30
N ASP A 130 -14.08 0.66 1.88
CA ASP A 130 -13.65 1.87 1.19
C ASP A 130 -12.15 1.74 1.03
N ASP A 131 -11.70 1.66 -0.22
CA ASP A 131 -10.25 1.51 -0.44
C ASP A 131 -9.38 2.64 0.08
N TYR A 132 -9.95 3.80 0.36
CA TYR A 132 -9.14 4.87 0.92
C TYR A 132 -8.71 4.42 2.32
N PHE A 133 -9.66 3.83 3.06
CA PHE A 133 -9.29 3.39 4.43
C PHE A 133 -8.57 2.07 4.46
N VAL A 134 -8.74 1.25 3.42
CA VAL A 134 -7.95 0.01 3.36
C VAL A 134 -6.46 0.40 3.27
N TRP A 135 -6.13 1.34 2.39
CA TRP A 135 -4.71 1.74 2.26
C TRP A 135 -4.41 3.03 1.50
N LYS A 136 -5.32 3.57 0.71
CA LYS A 136 -4.89 4.75 -0.03
C LYS A 136 -4.57 5.97 0.83
N SER A 137 -5.10 6.00 2.04
CA SER A 137 -4.70 7.00 3.01
C SER A 137 -3.17 7.03 3.18
N PHE A 138 -2.52 5.86 3.07
CA PHE A 138 -1.08 5.81 3.17
C PHE A 138 -0.45 6.58 2.00
N LEU A 139 -1.01 6.39 0.80
CA LEU A 139 -0.43 7.09 -0.36
C LEU A 139 -0.61 8.61 -0.22
N GLU A 140 -1.79 9.03 0.23
CA GLU A 140 -2.01 10.46 0.43
C GLU A 140 -1.08 11.04 1.50
N THR A 141 -0.90 10.29 2.58
CA THR A 141 -0.02 10.76 3.65
C THR A 141 1.41 10.89 3.19
N LEU A 142 1.88 9.87 2.50
CA LEU A 142 3.28 9.97 2.04
C LEU A 142 3.47 10.98 0.92
N ALA A 143 2.48 11.14 0.05
CA ALA A 143 2.59 12.15 -0.99
C ALA A 143 2.78 13.52 -0.29
N ALA A 144 2.02 13.77 0.76
CA ALA A 144 2.12 15.05 1.45
C ALA A 144 3.39 15.26 2.21
N PHE A 145 4.06 14.19 2.58
CA PHE A 145 5.33 14.27 3.29
C PHE A 145 6.35 15.01 2.39
N PRO A 146 7.19 15.86 2.95
CA PRO A 146 7.32 16.25 4.36
C PRO A 146 6.41 17.39 4.80
N GLY A 147 5.83 18.10 3.86
CA GLY A 147 4.91 19.18 4.22
C GLY A 147 5.50 20.28 5.10
N ARG A 148 4.73 20.64 6.13
CA ARG A 148 5.06 21.70 7.09
C ARG A 148 6.18 21.37 8.11
N ILE A 149 6.57 20.10 8.22
CA ILE A 149 7.58 19.61 9.18
C ILE A 149 8.91 19.20 8.54
N PRO A 150 10.06 19.62 9.12
CA PRO A 150 11.38 19.26 8.56
C PRO A 150 11.58 17.73 8.48
N ARG A 151 12.03 17.24 7.33
CA ARG A 151 12.26 15.79 7.14
C ARG A 151 12.89 15.10 8.33
N GLU A 152 13.97 15.68 8.84
CA GLU A 152 14.71 15.10 9.97
C GLU A 152 13.92 15.06 11.28
N GLU A 153 12.85 15.84 11.36
CA GLU A 153 12.00 15.95 12.55
C GLU A 153 10.69 15.14 12.43
N TRP A 154 10.51 14.46 11.32
CA TRP A 154 9.25 13.69 11.15
C TRP A 154 9.24 12.45 12.04
N PRO A 155 8.04 12.06 12.49
CA PRO A 155 7.93 10.85 13.30
C PRO A 155 8.18 9.67 12.38
N GLU A 156 8.48 8.53 13.02
CA GLU A 156 8.60 7.23 12.37
C GLU A 156 7.16 6.76 12.08
N LEU A 157 7.00 5.86 11.11
CA LEU A 157 5.67 5.34 10.76
C LEU A 157 5.60 3.86 11.05
N LEU A 158 4.60 3.47 11.83
CA LEU A 158 4.42 2.05 12.14
C LEU A 158 3.31 1.52 11.25
N LEU A 159 3.67 0.71 10.24
CA LEU A 159 2.67 0.21 9.23
C LEU A 159 1.91 -0.91 9.88
N THR A 160 0.60 -0.69 10.04
CA THR A 160 -0.20 -1.62 10.84
C THR A 160 -1.46 -2.10 10.16
N VAL A 161 -1.73 -3.40 10.29
CA VAL A 161 -3.00 -3.97 9.80
C VAL A 161 -3.99 -3.72 10.96
N ALA A 162 -5.11 -3.05 10.71
CA ALA A 162 -6.09 -2.69 11.75
C ALA A 162 -7.38 -3.35 11.44
N LEU A 163 -7.90 -4.11 12.40
CA LEU A 163 -9.10 -4.92 12.22
C LEU A 163 -10.09 -4.64 13.34
N THR A 164 -11.38 -4.70 13.02
CA THR A 164 -12.38 -4.36 14.01
C THR A 164 -13.27 -5.55 14.28
N PHE A 165 -13.68 -5.63 15.56
CA PHE A 165 -14.48 -6.78 15.96
C PHE A 165 -15.74 -6.36 16.68
N GLY A 166 -16.81 -7.14 16.46
CA GLY A 166 -18.07 -6.81 17.08
C GLY A 166 -18.85 -5.72 16.38
N GLU A 167 -20.14 -5.60 16.71
CA GLU A 167 -20.99 -4.56 16.12
C GLU A 167 -20.37 -3.20 16.42
N ASP A 168 -20.23 -2.35 15.40
CA ASP A 168 -19.58 -1.05 15.62
C ASP A 168 -19.96 -0.11 14.48
N PRO A 169 -21.17 0.42 14.55
CA PRO A 169 -21.59 1.33 13.49
C PRO A 169 -20.90 2.65 13.49
N ARG A 170 -20.30 3.07 14.61
CA ARG A 170 -19.54 4.34 14.59
C ARG A 170 -18.33 4.17 13.64
N THR A 171 -17.50 3.14 13.83
CA THR A 171 -16.37 2.97 12.92
C THR A 171 -16.82 2.60 11.53
N GLY A 172 -17.90 1.86 11.46
CA GLY A 172 -18.42 1.50 10.15
C GLY A 172 -18.86 2.70 9.34
N ASP A 173 -19.60 3.61 9.99
CA ASP A 173 -20.07 4.79 9.27
C ASP A 173 -18.91 5.72 8.93
N LEU A 174 -17.92 5.77 9.81
CA LEU A 174 -16.81 6.71 9.57
C LEU A 174 -15.73 6.22 8.59
N LEU A 175 -15.40 4.95 8.74
CA LEU A 175 -14.27 4.33 8.01
C LEU A 175 -14.62 3.18 7.10
N GLY A 176 -15.90 2.78 7.08
CA GLY A 176 -16.28 1.73 6.13
C GLY A 176 -16.04 0.32 6.61
N THR A 177 -15.61 0.19 7.87
CA THR A 177 -15.31 -1.14 8.36
C THR A 177 -16.52 -2.03 8.53
N VAL A 178 -16.30 -3.33 8.35
CA VAL A 178 -17.30 -4.40 8.59
C VAL A 178 -16.64 -5.26 9.66
N PRO A 179 -17.38 -5.71 10.67
CA PRO A 179 -16.75 -6.55 11.71
C PRO A 179 -16.14 -7.79 11.09
N VAL A 180 -14.99 -8.18 11.57
CA VAL A 180 -14.36 -9.42 11.09
C VAL A 180 -15.26 -10.62 11.48
N SER A 181 -15.49 -11.53 10.53
CA SER A 181 -16.30 -12.72 10.85
C SER A 181 -15.42 -13.80 11.42
N THR A 182 -15.78 -14.36 12.58
CA THR A 182 -14.99 -15.38 13.19
C THR A 182 -15.73 -16.71 13.15
N ALA A 183 -16.73 -16.83 12.27
CA ALA A 183 -17.45 -18.12 12.12
C ALA A 183 -16.58 -19.16 11.42
N SER A 184 -15.49 -18.70 10.80
CA SER A 184 -14.49 -19.58 10.19
C SER A 184 -13.20 -18.73 10.26
N THR A 185 -12.04 -19.29 9.90
CA THR A 185 -10.83 -18.47 9.90
C THR A 185 -10.51 -17.98 8.52
N GLU A 186 -11.43 -18.10 7.58
CA GLU A 186 -11.15 -17.67 6.21
C GLU A 186 -10.79 -16.19 6.11
N GLU A 187 -11.57 -15.34 6.75
CA GLU A 187 -11.27 -13.92 6.60
C GLU A 187 -9.95 -13.57 7.30
N ILE A 188 -9.77 -13.98 8.54
CA ILE A 188 -8.48 -13.63 9.18
C ILE A 188 -7.27 -14.27 8.51
N ASP A 189 -7.46 -15.44 7.87
CA ASP A 189 -6.30 -16.06 7.20
C ASP A 189 -5.92 -15.19 6.02
N ARG A 190 -6.90 -14.55 5.38
CA ARG A 190 -6.56 -13.69 4.25
C ARG A 190 -5.79 -12.46 4.81
N TYR A 191 -6.21 -11.95 5.96
CA TYR A 191 -5.49 -10.79 6.49
C TYR A 191 -4.09 -11.17 6.92
N LEU A 192 -3.93 -12.40 7.42
CA LEU A 192 -2.59 -12.83 7.83
C LEU A 192 -1.68 -12.95 6.63
N HIS A 193 -2.19 -13.46 5.49
CA HIS A 193 -1.36 -13.57 4.29
C HIS A 193 -0.91 -12.17 3.87
N VAL A 194 -1.81 -11.20 3.95
CA VAL A 194 -1.41 -9.82 3.60
C VAL A 194 -0.39 -9.29 4.63
N ALA A 195 -0.67 -9.49 5.91
CA ALA A 195 0.23 -8.97 6.89
C ALA A 195 1.64 -9.45 6.70
N ARG A 196 1.77 -10.72 6.37
CA ARG A 196 3.10 -11.31 6.20
C ARG A 196 3.76 -10.85 4.87
N ALA A 197 3.00 -11.02 3.79
CA ALA A 197 3.57 -10.74 2.46
C ALA A 197 3.89 -9.30 2.24
N PHE A 198 3.05 -8.41 2.79
CA PHE A 198 3.28 -6.97 2.69
C PHE A 198 4.28 -6.45 3.77
N GLY A 199 4.69 -7.32 4.68
CA GLY A 199 5.65 -6.89 5.67
C GLY A 199 5.19 -5.81 6.62
N PHE A 200 3.93 -5.93 7.00
CA PHE A 200 3.42 -4.99 7.99
C PHE A 200 4.23 -5.11 9.29
N HIS A 201 4.34 -3.97 9.99
CA HIS A 201 5.10 -3.97 11.23
C HIS A 201 4.27 -4.50 12.40
N MET A 202 2.97 -4.24 12.38
CA MET A 202 2.12 -4.55 13.53
C MET A 202 0.72 -4.90 13.07
N VAL A 203 -0.04 -5.51 13.97
CA VAL A 203 -1.42 -5.80 13.69
C VAL A 203 -2.11 -5.23 14.94
N TYR A 204 -3.24 -4.56 14.76
CA TYR A 204 -3.99 -3.94 15.87
C TYR A 204 -5.41 -4.51 15.79
N LEU A 205 -5.78 -5.32 16.79
CA LEU A 205 -7.12 -5.92 16.85
C LEU A 205 -7.92 -5.07 17.86
N TYR A 206 -9.03 -4.52 17.40
CA TYR A 206 -9.80 -3.59 18.23
C TYR A 206 -11.29 -3.92 18.25
N SER A 207 -11.91 -3.74 19.43
CA SER A 207 -13.39 -3.88 19.47
C SER A 207 -13.91 -2.63 20.21
N ARG A 208 -14.70 -1.82 19.52
CA ARG A 208 -15.26 -0.62 20.16
C ARG A 208 -16.28 -0.99 21.26
N ASN A 209 -17.16 -1.96 20.96
CA ASN A 209 -18.24 -2.29 21.88
C ASN A 209 -18.25 -3.66 22.51
N GLU A 210 -17.33 -4.52 22.09
CA GLU A 210 -17.26 -5.87 22.61
C GLU A 210 -15.84 -6.18 23.02
N HIS A 211 -15.48 -7.47 22.99
CA HIS A 211 -14.10 -7.81 23.32
C HIS A 211 -13.54 -8.63 22.16
N VAL A 212 -12.30 -8.31 21.74
CA VAL A 212 -11.70 -9.15 20.70
C VAL A 212 -11.59 -10.57 21.31
N PRO A 213 -11.95 -11.61 20.57
CA PRO A 213 -11.83 -12.93 21.22
C PRO A 213 -10.41 -13.40 21.50
N PRO A 214 -10.10 -13.89 22.71
CA PRO A 214 -8.73 -14.37 22.93
C PRO A 214 -8.29 -15.43 21.87
N GLU A 215 -9.23 -16.27 21.40
CA GLU A 215 -8.79 -17.26 20.41
C GLU A 215 -8.34 -16.60 19.10
N VAL A 216 -8.90 -15.44 18.76
CA VAL A 216 -8.47 -14.72 17.53
C VAL A 216 -7.04 -14.18 17.78
N VAL A 217 -6.80 -13.67 18.98
CA VAL A 217 -5.44 -13.20 19.34
C VAL A 217 -4.46 -14.36 19.17
N ARG A 218 -4.81 -15.54 19.67
CA ARG A 218 -3.94 -16.71 19.51
C ARG A 218 -3.72 -17.05 18.05
N HIS A 219 -4.76 -16.95 17.22
CA HIS A 219 -4.63 -17.30 15.79
C HIS A 219 -3.69 -16.34 15.12
N PHE A 220 -3.82 -15.06 15.47
CA PHE A 220 -2.90 -14.11 14.90
C PHE A 220 -1.47 -14.31 15.39
N ARG A 221 -1.25 -14.55 16.70
CA ARG A 221 0.13 -14.74 17.15
C ARG A 221 0.78 -15.94 16.43
N LYS A 222 0.05 -17.03 16.30
CA LYS A 222 0.63 -18.20 15.64
C LYS A 222 0.84 -18.01 14.16
N GLY A 223 0.07 -17.12 13.54
CA GLY A 223 0.19 -16.89 12.12
C GLY A 223 1.14 -15.76 11.70
N LEU A 224 1.51 -14.86 12.61
CA LEU A 224 2.40 -13.78 12.26
C LEU A 224 3.89 -14.15 12.38
N GLY A 225 4.75 -13.35 11.75
CA GLY A 225 6.18 -13.55 11.91
C GLY A 225 6.58 -13.13 13.32
N PRO A 226 7.75 -13.57 13.83
CA PRO A 226 8.19 -13.22 15.17
C PRO A 226 8.43 -11.77 15.47
N ASP A 227 8.69 -10.97 14.44
CA ASP A 227 8.99 -9.54 14.60
C ASP A 227 7.74 -8.69 14.39
N GLN A 228 6.58 -9.31 14.13
CA GLN A 228 5.38 -8.50 13.90
C GLN A 228 4.74 -8.32 15.25
N VAL A 229 4.40 -7.07 15.58
CA VAL A 229 3.91 -6.74 16.91
C VAL A 229 2.39 -6.80 16.94
N LEU A 230 1.85 -7.47 17.96
CA LEU A 230 0.41 -7.66 18.03
C LEU A 230 -0.22 -6.87 19.16
N PHE A 231 -1.07 -5.90 18.80
CA PHE A 231 -1.78 -5.09 19.84
C PHE A 231 -3.23 -5.51 19.88
N VAL A 232 -3.85 -5.50 21.07
CA VAL A 232 -5.30 -5.80 21.14
C VAL A 232 -5.83 -4.68 22.02
N SER A 233 -6.99 -4.11 21.68
CA SER A 233 -7.61 -3.11 22.62
C SER A 233 -9.10 -3.11 22.45
N GLY A 234 -9.75 -2.45 23.41
CA GLY A 234 -11.18 -2.27 23.41
C GLY A 234 -11.79 -2.90 24.65
N ASN A 235 -12.31 -2.05 25.48
CA ASN A 235 -13.00 -2.52 26.70
C ASN A 235 -12.20 -3.35 27.68
N VAL A 236 -10.89 -3.10 27.72
CA VAL A 236 -10.04 -3.76 28.69
C VAL A 236 -10.13 -2.90 29.95
N ARG A 237 -10.67 -3.52 31.02
CA ARG A 237 -10.86 -2.76 32.29
C ARG A 237 -10.35 -3.51 33.51
N SER A 238 -9.73 -4.65 33.31
CA SER A 238 -9.23 -5.41 34.44
C SER A 238 -7.91 -6.08 34.18
N GLY A 239 -7.17 -6.37 35.26
CA GLY A 239 -5.91 -7.04 35.09
C GLY A 239 -6.12 -8.46 34.55
N ARG A 240 -7.26 -9.08 34.88
CA ARG A 240 -7.51 -10.45 34.42
C ARG A 240 -7.56 -10.47 32.89
N GLN A 241 -8.17 -9.44 32.32
CA GLN A 241 -8.28 -9.36 30.86
C GLN A 241 -6.91 -9.19 30.21
N VAL A 242 -6.09 -8.31 30.77
CA VAL A 242 -4.74 -8.08 30.26
C VAL A 242 -3.94 -9.40 30.28
N THR A 243 -4.01 -10.12 31.42
CA THR A 243 -3.32 -11.39 31.53
C THR A 243 -3.77 -12.39 30.48
N GLU A 244 -5.08 -12.49 30.29
CA GLU A 244 -5.65 -13.42 29.31
C GLU A 244 -5.15 -13.08 27.89
N TYR A 245 -5.15 -11.79 27.54
CA TYR A 245 -4.64 -11.44 26.21
C TYR A 245 -3.14 -11.67 26.05
N LEU A 246 -2.35 -11.32 27.06
CA LEU A 246 -0.93 -11.59 27.02
C LEU A 246 -0.66 -13.11 26.91
N ASP A 247 -1.40 -13.90 27.68
CA ASP A 247 -1.26 -15.35 27.63
C ASP A 247 -1.60 -15.89 26.23
N SER A 248 -2.53 -15.21 25.57
CA SER A 248 -2.96 -15.60 24.22
C SER A 248 -1.99 -15.15 23.14
N GLY A 249 -0.97 -14.37 23.50
CA GLY A 249 0.02 -13.97 22.51
C GLY A 249 0.06 -12.48 22.16
N ALA A 250 -0.84 -11.67 22.71
CA ALA A 250 -0.71 -10.24 22.41
C ALA A 250 0.61 -9.72 22.95
N ASP A 251 1.26 -8.83 22.20
CA ASP A 251 2.46 -8.18 22.72
C ASP A 251 2.04 -7.01 23.61
N TYR A 252 0.97 -6.30 23.24
CA TYR A 252 0.52 -5.13 24.03
C TYR A 252 -0.99 -5.13 24.11
N VAL A 253 -1.51 -4.71 25.27
CA VAL A 253 -2.93 -4.69 25.49
C VAL A 253 -3.30 -3.25 25.82
N GLY A 254 -4.03 -2.60 24.92
CA GLY A 254 -4.29 -1.18 25.11
C GLY A 254 -5.55 -0.92 25.91
N PHE A 255 -5.58 0.20 26.62
CA PHE A 255 -6.77 0.55 27.38
C PHE A 255 -6.77 2.06 27.57
N ALA A 256 -7.91 2.65 27.27
CA ALA A 256 -8.07 4.10 27.37
C ALA A 256 -9.17 4.40 28.39
N GLY A 257 -10.38 3.96 28.07
CA GLY A 257 -11.53 4.29 28.91
C GLY A 257 -11.47 3.98 30.39
N ALA A 258 -10.82 2.91 30.77
CA ALA A 258 -10.75 2.55 32.18
C ALA A 258 -10.15 3.70 32.98
N LEU A 259 -9.26 4.52 32.41
CA LEU A 259 -8.68 5.61 33.20
C LEU A 259 -9.34 6.97 33.01
N GLU A 260 -10.47 7.01 32.31
CA GLU A 260 -11.13 8.29 32.04
C GLU A 260 -12.15 8.56 33.13
N GLN A 261 -11.66 8.57 34.35
CA GLN A 261 -12.54 8.79 35.51
C GLN A 261 -11.67 9.32 36.68
N PRO A 262 -12.30 9.91 37.70
CA PRO A 262 -11.50 10.45 38.81
C PRO A 262 -10.56 9.51 39.53
N ASP A 263 -11.01 8.28 39.74
CA ASP A 263 -10.27 7.26 40.48
C ASP A 263 -9.36 6.45 39.53
N TRP A 264 -8.81 7.14 38.54
CA TRP A 264 -7.94 6.43 37.59
C TRP A 264 -6.71 5.80 38.20
N ARG A 265 -6.15 6.38 39.27
CA ARG A 265 -4.98 5.74 39.87
C ARG A 265 -5.29 4.31 40.38
N SER A 266 -6.46 4.08 40.98
CA SER A 266 -6.82 2.74 41.43
C SER A 266 -7.08 1.83 40.26
N ALA A 267 -7.76 2.34 39.25
CA ALA A 267 -8.01 1.54 38.07
C ALA A 267 -6.69 1.08 37.40
N LEU A 268 -5.72 1.99 37.30
CA LEU A 268 -4.43 1.69 36.68
C LEU A 268 -3.73 0.63 37.49
N ALA A 269 -3.72 0.79 38.81
CA ALA A 269 -3.08 -0.22 39.63
C ALA A 269 -3.73 -1.61 39.46
N GLU A 270 -5.04 -1.68 39.30
CA GLU A 270 -5.63 -2.99 39.13
C GLU A 270 -5.28 -3.59 37.74
N ILE A 271 -5.33 -2.78 36.69
CA ILE A 271 -5.01 -3.26 35.36
C ILE A 271 -3.54 -3.63 35.17
N ALA A 272 -2.63 -2.91 35.85
CA ALA A 272 -1.21 -3.16 35.70
C ALA A 272 -0.59 -4.06 36.76
N GLY A 273 -1.28 -4.22 37.89
CA GLY A 273 -0.77 -5.04 38.99
C GLY A 273 -1.10 -6.52 38.87
N PRO B 22 -3.90 17.88 -9.46
CA PRO B 22 -3.18 16.72 -10.11
C PRO B 22 -3.70 15.45 -9.48
N PRO B 23 -4.28 14.54 -10.28
CA PRO B 23 -4.80 13.30 -9.69
C PRO B 23 -3.84 12.38 -8.90
N LEU B 24 -2.61 12.27 -9.35
CA LEU B 24 -1.60 11.41 -8.75
C LEU B 24 -2.10 9.97 -8.63
N TRP B 25 -2.38 9.50 -7.42
CA TRP B 25 -2.84 8.15 -7.17
C TRP B 25 -4.37 7.94 -7.36
N ARG B 26 -5.12 9.03 -7.56
CA ARG B 26 -6.57 8.94 -7.79
C ARG B 26 -6.74 8.76 -9.33
N PRO B 27 -7.86 8.18 -9.75
CA PRO B 27 -8.08 8.00 -11.19
C PRO B 27 -8.02 9.33 -11.92
N GLY B 28 -7.43 9.30 -13.11
CA GLY B 28 -7.29 10.50 -13.89
C GLY B 28 -7.66 10.31 -15.35
N ARG B 29 -7.11 11.18 -16.19
CA ARG B 29 -7.38 11.14 -17.62
C ARG B 29 -6.91 9.88 -18.34
N VAL B 30 -5.72 9.40 -17.96
CA VAL B 30 -5.19 8.22 -18.65
C VAL B 30 -6.00 6.99 -18.28
N LEU B 31 -6.28 6.79 -17.00
CA LEU B 31 -7.07 5.64 -16.63
C LEU B 31 -8.46 5.70 -17.30
N ALA B 32 -9.05 6.89 -17.36
CA ALA B 32 -10.36 7.03 -17.99
C ALA B 32 -10.24 6.60 -19.45
N ARG B 33 -9.18 7.06 -20.14
CA ARG B 33 -9.04 6.66 -21.54
C ARG B 33 -8.91 5.16 -21.68
N LEU B 34 -8.10 4.53 -20.80
CA LEU B 34 -7.95 3.09 -20.89
C LEU B 34 -9.25 2.33 -20.61
N ARG B 35 -10.07 2.86 -19.70
CA ARG B 35 -11.30 2.20 -19.37
C ARG B 35 -12.34 2.32 -20.49
N GLU B 36 -12.33 3.44 -21.17
CA GLU B 36 -13.34 3.69 -22.21
C GLU B 36 -12.98 3.27 -23.60
N HIS B 37 -11.69 3.15 -23.88
CA HIS B 37 -11.28 2.73 -25.23
C HIS B 37 -11.61 1.27 -25.47
N GLN B 38 -11.82 0.89 -26.74
CA GLN B 38 -12.10 -0.53 -26.99
C GLN B 38 -10.85 -1.36 -26.78
N PRO B 39 -11.02 -2.61 -26.32
CA PRO B 39 -9.88 -3.50 -26.08
C PRO B 39 -9.00 -3.70 -27.34
N GLY B 40 -7.70 -3.90 -27.16
CA GLY B 40 -6.92 -4.17 -28.35
C GLY B 40 -5.48 -4.33 -27.98
N PRO B 41 -4.62 -4.44 -28.96
CA PRO B 41 -3.17 -4.57 -28.73
C PRO B 41 -2.56 -3.25 -28.31
N VAL B 42 -1.41 -3.34 -27.64
CA VAL B 42 -0.68 -2.16 -27.25
C VAL B 42 0.80 -2.48 -27.45
N HIS B 43 1.45 -1.67 -28.28
CA HIS B 43 2.88 -1.88 -28.48
C HIS B 43 3.63 -1.22 -27.33
N ILE B 44 4.66 -1.93 -26.87
CA ILE B 44 5.53 -1.51 -25.79
C ILE B 44 6.90 -1.25 -26.37
N ILE B 45 7.36 0.01 -26.27
CA ILE B 45 8.68 0.34 -26.78
C ILE B 45 9.65 0.26 -25.59
N ASP B 46 10.72 -0.52 -25.72
CA ASP B 46 11.74 -0.62 -24.65
C ASP B 46 12.71 0.53 -25.01
N PRO B 47 12.68 1.65 -24.28
CA PRO B 47 13.51 2.82 -24.60
C PRO B 47 14.99 2.68 -24.38
N PHE B 48 15.38 1.63 -23.72
CA PHE B 48 16.84 1.43 -23.49
C PHE B 48 17.42 0.46 -24.49
N LYS B 49 16.57 0.00 -25.40
CA LYS B 49 17.02 -0.91 -26.48
C LYS B 49 16.66 -0.31 -27.84
N VAL B 50 15.59 0.46 -27.92
CA VAL B 50 15.11 1.00 -29.20
C VAL B 50 15.61 2.42 -29.35
N PRO B 51 16.34 2.71 -30.43
CA PRO B 51 16.84 4.09 -30.59
C PRO B 51 15.69 5.08 -30.67
N VAL B 52 15.88 6.31 -30.20
CA VAL B 52 14.76 7.22 -30.18
C VAL B 52 14.20 7.49 -31.58
N THR B 53 15.04 7.54 -32.61
CA THR B 53 14.51 7.79 -33.95
C THR B 53 13.56 6.66 -34.40
N GLU B 54 13.87 5.44 -33.97
CA GLU B 54 13.01 4.29 -34.31
C GLU B 54 11.73 4.37 -33.49
N ALA B 55 11.84 4.79 -32.23
CA ALA B 55 10.63 4.93 -31.43
C ALA B 55 9.66 5.95 -32.04
N VAL B 56 10.20 7.04 -32.57
CA VAL B 56 9.39 8.06 -33.19
C VAL B 56 8.70 7.50 -34.44
N GLU B 57 9.43 6.72 -35.21
CA GLU B 57 8.80 6.16 -36.43
C GLU B 57 7.67 5.24 -36.03
N LYS B 58 7.96 4.44 -35.01
CA LYS B 58 6.92 3.49 -34.55
C LYS B 58 5.69 4.20 -33.98
N ALA B 59 5.94 5.22 -33.16
CA ALA B 59 4.87 5.96 -32.54
C ALA B 59 3.87 6.52 -33.54
N ALA B 60 4.39 6.99 -34.68
CA ALA B 60 3.51 7.53 -35.71
C ALA B 60 2.57 6.43 -36.24
N GLU B 61 3.02 5.19 -36.32
CA GLU B 61 2.16 4.14 -36.81
C GLU B 61 1.13 3.70 -35.78
N LEU B 62 1.49 3.72 -34.49
CA LEU B 62 0.57 3.22 -33.48
C LEU B 62 -0.70 4.05 -33.46
N THR B 63 -0.52 5.34 -33.73
CA THR B 63 -1.62 6.25 -33.79
C THR B 63 -2.64 5.84 -34.88
N ARG B 64 -2.13 5.62 -36.10
CA ARG B 64 -2.99 5.19 -37.22
C ARG B 64 -3.75 3.88 -36.99
N LEU B 65 -3.15 2.97 -36.22
CA LEU B 65 -3.77 1.69 -35.93
C LEU B 65 -4.87 1.79 -34.86
N GLY B 66 -4.86 2.88 -34.11
CA GLY B 66 -5.90 3.08 -33.12
C GLY B 66 -5.61 2.49 -31.75
N PHE B 67 -4.33 2.28 -31.44
CA PHE B 67 -3.99 1.76 -30.12
C PHE B 67 -4.32 2.81 -29.06
N ALA B 68 -4.60 2.34 -27.84
CA ALA B 68 -5.03 3.21 -26.78
C ALA B 68 -3.98 4.06 -26.11
N ALA B 69 -2.73 3.59 -26.15
CA ALA B 69 -1.63 4.27 -25.47
C ALA B 69 -0.33 3.71 -26.04
N VAL B 70 0.75 4.36 -25.67
CA VAL B 70 2.07 3.86 -26.04
C VAL B 70 2.77 3.63 -24.69
N LEU B 71 3.19 2.38 -24.44
CA LEU B 71 3.94 2.11 -23.19
C LEU B 71 5.42 2.17 -23.51
N LEU B 72 6.21 2.77 -22.60
CA LEU B 72 7.70 2.75 -22.69
C LEU B 72 8.04 1.93 -21.45
N ALA B 73 8.70 0.79 -21.65
CA ALA B 73 8.95 -0.10 -20.52
C ALA B 73 10.18 -0.94 -20.68
N SER B 74 10.84 -1.22 -19.56
CA SER B 74 12.00 -2.09 -19.62
C SER B 74 12.27 -2.60 -18.22
N THR B 75 12.91 -3.75 -18.11
CA THR B 75 13.28 -4.30 -16.80
C THR B 75 14.53 -3.56 -16.36
N ASP B 76 15.41 -3.31 -17.34
CA ASP B 76 16.70 -2.62 -17.09
C ASP B 76 16.66 -1.14 -17.46
N TYR B 77 17.39 -0.30 -16.74
CA TYR B 77 17.50 1.09 -17.11
C TYR B 77 18.71 1.71 -16.37
N GLU B 78 19.28 2.74 -16.98
CA GLU B 78 20.37 3.51 -16.35
C GLU B 78 20.30 4.92 -16.89
N SER B 79 20.76 5.89 -16.10
CA SER B 79 20.69 7.32 -16.43
C SER B 79 19.29 7.60 -16.90
N PHE B 80 18.31 7.19 -16.08
CA PHE B 80 16.94 7.30 -16.50
C PHE B 80 16.47 8.67 -16.87
N GLU B 81 16.71 9.66 -15.99
CA GLU B 81 16.19 10.97 -16.29
C GLU B 81 16.76 11.66 -17.51
N SER B 82 18.07 11.56 -17.73
CA SER B 82 18.61 12.24 -18.88
C SER B 82 18.22 11.54 -20.15
N HIS B 83 18.02 10.21 -20.09
CA HIS B 83 17.64 9.49 -21.31
C HIS B 83 16.16 9.69 -21.61
N MET B 84 15.33 9.50 -20.58
CA MET B 84 13.88 9.48 -20.75
C MET B 84 13.14 10.78 -20.90
N GLU B 85 13.60 11.90 -20.28
CA GLU B 85 12.85 13.11 -20.48
C GLU B 85 12.73 13.48 -21.96
N PRO B 86 13.89 13.56 -22.67
CA PRO B 86 13.82 13.89 -24.09
C PRO B 86 13.24 12.73 -24.93
N TYR B 87 13.36 11.48 -24.45
CA TYR B 87 12.80 10.33 -25.22
C TYR B 87 11.29 10.45 -25.18
N VAL B 88 10.75 10.68 -24.00
CA VAL B 88 9.32 10.91 -23.89
C VAL B 88 8.87 12.11 -24.73
N ALA B 89 9.63 13.20 -24.68
CA ALA B 89 9.25 14.37 -25.48
C ALA B 89 9.18 14.06 -26.98
N ALA B 90 10.16 13.29 -27.47
CA ALA B 90 10.22 12.94 -28.88
C ALA B 90 9.03 12.09 -29.26
N VAL B 91 8.70 11.15 -28.39
CA VAL B 91 7.56 10.29 -28.68
C VAL B 91 6.29 11.08 -28.67
N LYS B 92 6.13 11.97 -27.68
CA LYS B 92 4.90 12.77 -27.57
C LYS B 92 4.74 13.75 -28.73
N ALA B 93 5.86 14.12 -29.35
CA ALA B 93 5.74 15.01 -30.52
C ALA B 93 5.26 14.23 -31.74
N ALA B 94 5.34 12.88 -31.69
CA ALA B 94 4.97 12.00 -32.81
C ALA B 94 3.60 11.35 -32.65
N THR B 95 3.04 11.34 -31.45
CA THR B 95 1.72 10.73 -31.26
C THR B 95 0.91 11.47 -30.21
N PRO B 96 -0.42 11.55 -30.39
CA PRO B 96 -1.23 12.23 -29.38
C PRO B 96 -1.71 11.23 -28.31
N LEU B 97 -1.33 9.96 -28.47
CA LEU B 97 -1.70 8.94 -27.50
C LEU B 97 -0.97 9.16 -26.20
N PRO B 98 -1.56 8.72 -25.09
CA PRO B 98 -0.91 8.87 -23.80
C PRO B 98 0.33 8.04 -23.78
N VAL B 99 1.39 8.56 -23.14
CA VAL B 99 2.66 7.85 -23.03
C VAL B 99 2.75 7.40 -21.57
N VAL B 100 2.82 6.10 -21.38
CA VAL B 100 2.78 5.53 -20.04
C VAL B 100 4.12 4.83 -19.78
N LEU B 101 4.77 5.13 -18.63
CA LEU B 101 6.03 4.50 -18.29
C LEU B 101 5.82 3.27 -17.42
N HIS B 102 6.60 2.21 -17.62
CA HIS B 102 6.51 1.00 -16.79
C HIS B 102 7.90 0.42 -16.57
N PHE B 103 8.40 0.63 -15.34
CA PHE B 103 9.75 0.19 -14.95
C PHE B 103 9.72 -0.24 -13.50
N PRO B 104 10.67 -1.11 -13.12
CA PRO B 104 10.70 -1.55 -11.71
C PRO B 104 11.30 -0.47 -10.84
N PRO B 105 10.96 -0.47 -9.55
CA PRO B 105 11.47 0.50 -8.61
C PRO B 105 12.80 0.00 -8.07
N ARG B 106 13.55 0.92 -7.43
CA ARG B 106 14.86 0.55 -6.79
C ARG B 106 14.90 1.15 -5.41
N PRO B 107 15.22 0.35 -4.39
CA PRO B 107 15.32 0.85 -3.02
C PRO B 107 16.24 2.05 -2.97
N GLY B 108 15.76 3.10 -2.29
CA GLY B 108 16.48 4.35 -2.17
C GLY B 108 15.98 5.38 -3.14
N ALA B 109 15.23 4.94 -4.15
CA ALA B 109 14.72 5.86 -5.11
C ALA B 109 13.25 5.73 -5.36
N GLY B 110 12.77 4.51 -5.29
CA GLY B 110 11.36 4.26 -5.66
C GLY B 110 11.31 4.09 -7.19
N PHE B 111 10.14 4.37 -7.76
CA PHE B 111 9.99 4.24 -9.23
C PHE B 111 10.61 5.43 -9.91
N PRO B 112 11.13 5.18 -11.12
CA PRO B 112 11.75 6.31 -11.87
C PRO B 112 10.63 7.12 -12.52
N VAL B 113 10.90 8.42 -12.71
CA VAL B 113 9.87 9.30 -13.26
C VAL B 113 10.51 10.48 -13.95
N VAL B 114 9.90 10.92 -15.05
CA VAL B 114 10.32 12.14 -15.74
C VAL B 114 9.11 12.96 -16.06
N ARG B 115 9.37 14.28 -16.12
CA ARG B 115 8.35 15.21 -16.50
C ARG B 115 7.96 14.87 -17.94
N GLY B 116 6.69 15.04 -18.26
CA GLY B 116 6.18 14.84 -19.58
C GLY B 116 5.44 13.54 -19.79
N ALA B 117 5.79 12.53 -19.01
CA ALA B 117 5.04 11.28 -19.15
C ALA B 117 3.59 11.51 -18.73
N ASP B 118 2.64 10.89 -19.42
CA ASP B 118 1.25 11.04 -19.05
C ASP B 118 0.90 10.24 -17.79
N ALA B 119 1.48 9.07 -17.68
CA ALA B 119 1.24 8.23 -16.51
C ALA B 119 2.38 7.31 -16.22
N LEU B 120 2.45 6.85 -14.97
CA LEU B 120 3.42 5.82 -14.60
C LEU B 120 2.57 4.64 -14.17
N LEU B 121 2.86 3.46 -14.70
CA LEU B 121 2.17 2.25 -14.27
C LEU B 121 2.98 1.82 -13.04
N LEU B 122 2.34 1.68 -11.86
CA LEU B 122 3.06 1.28 -10.65
C LEU B 122 2.71 -0.16 -10.31
N PRO B 123 3.62 -1.08 -10.56
CA PRO B 123 3.36 -2.48 -10.28
C PRO B 123 3.59 -2.87 -8.81
N ALA B 124 2.53 -3.38 -8.17
CA ALA B 124 2.63 -3.93 -6.81
C ALA B 124 2.81 -5.45 -7.14
N LEU B 125 4.02 -5.96 -6.90
CA LEU B 125 4.33 -7.35 -7.24
C LEU B 125 3.89 -8.25 -6.12
N LEU B 126 2.61 -8.61 -6.15
CA LEU B 126 2.03 -9.34 -5.03
C LEU B 126 2.58 -10.72 -4.81
N GLY B 127 3.24 -11.26 -5.84
CA GLY B 127 3.86 -12.57 -5.77
C GLY B 127 5.32 -12.51 -5.34
N SER B 128 5.81 -11.35 -4.97
CA SER B 128 7.19 -11.24 -4.57
C SER B 128 7.43 -11.59 -3.11
N GLY B 129 8.57 -12.22 -2.89
CA GLY B 129 8.94 -12.53 -1.50
C GLY B 129 9.59 -11.34 -0.80
N ASP B 130 9.72 -10.19 -1.46
CA ASP B 130 10.37 -9.02 -0.87
C ASP B 130 9.30 -7.95 -0.76
N ASP B 131 8.95 -7.57 0.49
CA ASP B 131 7.90 -6.58 0.67
C ASP B 131 8.16 -5.22 0.02
N TYR B 132 9.40 -4.89 -0.34
CA TYR B 132 9.61 -3.64 -1.00
C TYR B 132 8.94 -3.71 -2.39
N PHE B 133 9.11 -4.84 -3.06
CA PHE B 133 8.51 -4.98 -4.38
C PHE B 133 7.02 -5.29 -4.31
N VAL B 134 6.55 -5.91 -3.22
CA VAL B 134 5.08 -6.11 -3.08
C VAL B 134 4.42 -4.75 -3.07
N TRP B 135 4.93 -3.80 -2.27
CA TRP B 135 4.30 -2.46 -2.21
C TRP B 135 5.10 -1.34 -1.56
N LYS B 136 6.16 -1.62 -0.77
CA LYS B 136 6.77 -0.47 -0.14
C LYS B 136 7.42 0.50 -1.07
N SER B 137 7.75 0.03 -2.26
CA SER B 137 8.20 0.92 -3.29
C SER B 137 7.20 2.06 -3.53
N PHE B 138 5.89 1.79 -3.37
CA PHE B 138 4.90 2.84 -3.53
C PHE B 138 5.10 3.93 -2.44
N LEU B 139 5.39 3.47 -1.23
CA LEU B 139 5.59 4.40 -0.13
C LEU B 139 6.84 5.27 -0.36
N GLU B 140 7.91 4.64 -0.86
CA GLU B 140 9.12 5.43 -1.09
C GLU B 140 8.86 6.45 -2.22
N THR B 141 8.18 5.99 -3.28
CA THR B 141 7.86 6.90 -4.41
C THR B 141 7.05 8.12 -4.01
N LEU B 142 5.99 7.86 -3.24
CA LEU B 142 5.15 8.96 -2.81
C LEU B 142 5.81 9.83 -1.80
N ALA B 143 6.64 9.25 -0.93
CA ALA B 143 7.38 10.10 0.01
C ALA B 143 8.22 11.10 -0.78
N ALA B 144 8.91 10.61 -1.81
CA ALA B 144 9.76 11.48 -2.62
C ALA B 144 9.01 12.45 -3.48
N PHE B 145 7.75 12.18 -3.77
CA PHE B 145 6.92 13.13 -4.55
C PHE B 145 6.74 14.45 -3.77
N PRO B 146 6.76 15.60 -4.45
CA PRO B 146 6.92 15.80 -5.90
C PRO B 146 8.36 15.90 -6.40
N GLY B 147 9.32 16.05 -5.48
CA GLY B 147 10.71 16.07 -5.92
C GLY B 147 11.01 17.20 -6.88
N ARG B 148 11.78 16.87 -7.92
CA ARG B 148 12.23 17.81 -8.95
C ARG B 148 11.16 18.23 -9.94
N ILE B 149 10.02 17.54 -9.98
CA ILE B 149 8.99 17.87 -10.97
C ILE B 149 7.81 18.64 -10.35
N PRO B 150 7.40 19.75 -10.96
CA PRO B 150 6.28 20.49 -10.38
C PRO B 150 5.04 19.59 -10.22
N ARG B 151 4.37 19.73 -9.08
CA ARG B 151 3.17 18.98 -8.77
C ARG B 151 2.16 18.89 -9.94
N GLU B 152 1.87 20.05 -10.51
CA GLU B 152 0.92 20.12 -11.60
C GLU B 152 1.38 19.43 -12.89
N GLU B 153 2.66 19.08 -12.96
CA GLU B 153 3.25 18.47 -14.17
C GLU B 153 3.58 16.98 -14.02
N TRP B 154 3.22 16.42 -12.90
CA TRP B 154 3.53 15.02 -12.64
C TRP B 154 2.61 14.09 -13.43
N PRO B 155 3.13 12.91 -13.76
CA PRO B 155 2.29 11.96 -14.45
C PRO B 155 1.26 11.47 -13.43
N GLU B 156 0.19 10.89 -13.97
CA GLU B 156 -0.82 10.21 -13.13
C GLU B 156 -0.22 8.85 -12.79
N LEU B 157 -0.73 8.22 -11.74
CA LEU B 157 -0.25 6.91 -11.31
C LEU B 157 -1.32 5.87 -11.49
N LEU B 158 -1.00 4.82 -12.24
CA LEU B 158 -1.97 3.74 -12.43
C LEU B 158 -1.56 2.62 -11.47
N LEU B 159 -2.33 2.47 -10.39
CA LEU B 159 -1.98 1.49 -9.35
C LEU B 159 -2.33 0.10 -9.89
N THR B 160 -1.30 -0.75 -10.00
CA THR B 160 -1.53 -2.02 -10.70
C THR B 160 -1.04 -3.23 -9.95
N VAL B 161 -1.83 -4.31 -9.98
CA VAL B 161 -1.38 -5.58 -9.40
C VAL B 161 -0.57 -6.23 -10.52
N ALA B 162 0.69 -6.57 -10.25
CA ALA B 162 1.56 -7.14 -11.29
C ALA B 162 1.95 -8.55 -10.91
N LEU B 163 1.66 -9.49 -11.80
CA LEU B 163 1.91 -10.90 -11.52
C LEU B 163 2.73 -11.54 -12.63
N THR B 164 3.59 -12.48 -12.25
CA THR B 164 4.46 -13.15 -13.21
C THR B 164 4.12 -14.63 -13.31
N PHE B 165 4.27 -15.14 -14.53
CA PHE B 165 3.93 -16.52 -14.86
C PHE B 165 5.09 -17.20 -15.56
N GLY B 166 5.29 -18.45 -15.15
CA GLY B 166 6.34 -19.26 -15.73
C GLY B 166 7.69 -19.04 -15.10
N GLU B 167 8.59 -19.96 -15.43
CA GLU B 167 9.97 -19.87 -14.89
C GLU B 167 10.58 -18.54 -15.33
N ASP B 168 11.16 -17.80 -14.39
CA ASP B 168 11.69 -16.47 -14.76
C ASP B 168 12.68 -16.03 -13.70
N PRO B 169 13.88 -16.61 -13.76
CA PRO B 169 14.91 -16.24 -12.79
C PRO B 169 15.43 -14.83 -12.88
N ARG B 170 15.28 -14.21 -14.05
CA ARG B 170 15.71 -12.83 -14.20
C ARG B 170 14.81 -11.91 -13.31
N THR B 171 13.50 -12.04 -13.42
CA THR B 171 12.66 -11.19 -12.61
C THR B 171 12.74 -11.67 -11.17
N GLY B 172 12.89 -12.97 -10.96
CA GLY B 172 12.96 -13.50 -9.59
C GLY B 172 14.18 -12.94 -8.85
N ASP B 173 15.32 -12.90 -9.53
CA ASP B 173 16.56 -12.44 -8.90
C ASP B 173 16.50 -10.92 -8.65
N LEU B 174 15.84 -10.19 -9.55
CA LEU B 174 15.80 -8.73 -9.40
C LEU B 174 14.75 -8.23 -8.45
N LEU B 175 13.56 -8.79 -8.59
CA LEU B 175 12.40 -8.30 -7.83
C LEU B 175 11.80 -9.26 -6.82
N GLY B 176 12.38 -10.44 -6.71
CA GLY B 176 11.90 -11.42 -5.75
C GLY B 176 10.63 -12.17 -6.13
N THR B 177 10.18 -12.03 -7.39
CA THR B 177 8.94 -12.72 -7.77
C THR B 177 9.06 -14.25 -7.81
N VAL B 178 7.94 -14.93 -7.52
CA VAL B 178 7.83 -16.40 -7.60
C VAL B 178 6.72 -16.57 -8.63
N PRO B 179 6.86 -17.50 -9.59
CA PRO B 179 5.77 -17.65 -10.58
C PRO B 179 4.44 -17.96 -9.89
N VAL B 180 3.35 -17.39 -10.38
CA VAL B 180 2.04 -17.66 -9.81
C VAL B 180 1.66 -19.10 -10.10
N SER B 181 1.15 -19.78 -9.08
CA SER B 181 0.77 -21.18 -9.26
C SER B 181 -0.54 -21.24 -10.03
N THR B 182 -0.57 -22.06 -11.07
CA THR B 182 -1.81 -22.24 -11.80
C THR B 182 -2.34 -23.69 -11.57
N ALA B 183 -1.79 -24.39 -10.60
CA ALA B 183 -2.25 -25.75 -10.25
C ALA B 183 -3.66 -25.72 -9.65
N SER B 184 -4.03 -24.59 -9.08
CA SER B 184 -5.38 -24.40 -8.52
C SER B 184 -5.66 -22.90 -8.60
N THR B 185 -6.82 -22.46 -8.13
CA THR B 185 -7.09 -21.03 -8.14
C THR B 185 -6.84 -20.38 -6.79
N GLU B 186 -6.28 -21.11 -5.83
CA GLU B 186 -6.03 -20.58 -4.47
C GLU B 186 -5.20 -19.29 -4.43
N GLU B 187 -4.09 -19.30 -5.13
CA GLU B 187 -3.23 -18.12 -5.09
C GLU B 187 -3.87 -16.99 -5.88
N ILE B 188 -4.30 -17.26 -7.10
CA ILE B 188 -4.87 -16.16 -7.83
C ILE B 188 -6.13 -15.57 -7.17
N ASP B 189 -6.89 -16.39 -6.45
CA ASP B 189 -8.08 -15.83 -5.80
C ASP B 189 -7.68 -14.90 -4.67
N ARG B 190 -6.54 -15.13 -4.03
CA ARG B 190 -6.10 -14.19 -2.98
C ARG B 190 -5.72 -12.90 -3.66
N TYR B 191 -5.05 -13.02 -4.82
CA TYR B 191 -4.69 -11.76 -5.49
C TYR B 191 -5.92 -11.00 -5.99
N LEU B 192 -7.01 -11.71 -6.39
CA LEU B 192 -8.21 -11.02 -6.84
C LEU B 192 -8.88 -10.32 -5.67
N HIS B 193 -8.84 -10.96 -4.49
CA HIS B 193 -9.46 -10.31 -3.31
C HIS B 193 -8.74 -9.01 -3.03
N VAL B 194 -7.40 -9.05 -3.07
CA VAL B 194 -6.64 -7.83 -2.85
C VAL B 194 -6.92 -6.80 -3.94
N ALA B 195 -6.87 -7.21 -5.19
CA ALA B 195 -7.11 -6.26 -6.28
C ALA B 195 -8.44 -5.53 -6.09
N ARG B 196 -9.46 -6.27 -5.66
CA ARG B 196 -10.75 -5.64 -5.47
C ARG B 196 -10.83 -4.76 -4.19
N ALA B 197 -10.42 -5.36 -3.06
CA ALA B 197 -10.55 -4.63 -1.78
C ALA B 197 -9.67 -3.40 -1.73
N PHE B 198 -8.48 -3.52 -2.30
CA PHE B 198 -7.53 -2.40 -2.35
C PHE B 198 -7.85 -1.39 -3.46
N GLY B 199 -8.82 -1.70 -4.31
CA GLY B 199 -9.14 -0.74 -5.35
C GLY B 199 -8.05 -0.46 -6.35
N PHE B 200 -7.34 -1.51 -6.72
CA PHE B 200 -6.36 -1.31 -7.76
C PHE B 200 -7.04 -0.91 -9.06
N HIS B 201 -6.27 -0.12 -9.82
CA HIS B 201 -6.79 0.35 -11.09
C HIS B 201 -6.67 -0.68 -12.19
N MET B 202 -5.58 -1.44 -12.18
CA MET B 202 -5.32 -2.39 -13.24
C MET B 202 -4.64 -3.63 -12.72
N VAL B 203 -4.61 -4.66 -13.57
CA VAL B 203 -3.91 -5.90 -13.25
C VAL B 203 -3.08 -6.15 -14.49
N TYR B 204 -1.81 -6.53 -14.30
CA TYR B 204 -0.89 -6.77 -15.42
C TYR B 204 -0.39 -8.20 -15.23
N LEU B 205 -0.75 -9.10 -16.16
CA LEU B 205 -0.32 -10.48 -16.11
C LEU B 205 0.81 -10.62 -17.15
N TYR B 206 2.00 -11.01 -16.72
CA TYR B 206 3.17 -11.06 -17.62
C TYR B 206 3.90 -12.42 -17.53
N SER B 207 4.45 -12.86 -18.67
CA SER B 207 5.31 -14.05 -18.66
C SER B 207 6.57 -13.69 -19.47
N ARG B 208 7.72 -13.70 -18.81
CA ARG B 208 8.92 -13.39 -19.57
C ARG B 208 9.26 -14.49 -20.58
N ASN B 209 9.14 -15.74 -20.13
CA ASN B 209 9.59 -16.88 -20.94
C ASN B 209 8.59 -17.86 -21.42
N GLU B 210 7.32 -17.69 -21.06
CA GLU B 210 6.28 -18.62 -21.46
C GLU B 210 5.11 -17.79 -21.90
N HIS B 211 3.89 -18.32 -21.74
CA HIS B 211 2.74 -17.51 -22.10
C HIS B 211 1.81 -17.49 -20.91
N VAL B 212 1.20 -16.34 -20.65
CA VAL B 212 0.18 -16.34 -19.58
C VAL B 212 -0.97 -17.23 -20.07
N PRO B 213 -1.48 -18.16 -19.26
CA PRO B 213 -2.57 -19.00 -19.81
C PRO B 213 -3.86 -18.23 -20.08
N PRO B 214 -4.47 -18.42 -21.26
CA PRO B 214 -5.72 -17.72 -21.55
C PRO B 214 -6.80 -17.97 -20.47
N GLU B 215 -6.78 -19.16 -19.87
CA GLU B 215 -7.80 -19.47 -18.89
C GLU B 215 -7.56 -18.63 -17.59
N VAL B 216 -6.32 -18.24 -17.34
CA VAL B 216 -6.01 -17.36 -16.17
C VAL B 216 -6.53 -15.95 -16.48
N VAL B 217 -6.32 -15.48 -17.71
CA VAL B 217 -6.86 -14.20 -18.12
C VAL B 217 -8.41 -14.24 -17.91
N ARG B 218 -9.05 -15.32 -18.35
CA ARG B 218 -10.50 -15.37 -18.19
C ARG B 218 -10.91 -15.34 -16.72
N HIS B 219 -10.13 -16.04 -15.88
CA HIS B 219 -10.44 -16.08 -14.46
C HIS B 219 -10.31 -14.67 -13.87
N PHE B 220 -9.27 -13.95 -14.28
CA PHE B 220 -9.13 -12.60 -13.79
C PHE B 220 -10.22 -11.67 -14.29
N ARG B 221 -10.60 -11.76 -15.57
CA ARG B 221 -11.64 -10.91 -16.07
C ARG B 221 -12.94 -11.13 -15.32
N LYS B 222 -13.22 -12.37 -14.99
CA LYS B 222 -14.46 -12.67 -14.29
C LYS B 222 -14.44 -12.18 -12.84
N GLY B 223 -13.27 -12.20 -12.24
CA GLY B 223 -13.15 -11.83 -10.84
C GLY B 223 -12.95 -10.36 -10.58
N LEU B 224 -12.52 -9.62 -11.58
CA LEU B 224 -12.28 -8.18 -11.40
C LEU B 224 -13.54 -7.35 -11.56
N GLY B 225 -13.51 -6.14 -10.99
CA GLY B 225 -14.60 -5.21 -11.14
C GLY B 225 -14.64 -4.70 -12.59
N PRO B 226 -15.77 -4.15 -13.05
CA PRO B 226 -15.82 -3.69 -14.42
C PRO B 226 -14.93 -2.54 -14.82
N ASP B 227 -14.47 -1.76 -13.85
CA ASP B 227 -13.63 -0.62 -14.16
C ASP B 227 -12.16 -1.01 -13.96
N GLN B 228 -11.85 -2.25 -13.60
CA GLN B 228 -10.42 -2.60 -13.41
C GLN B 228 -9.91 -3.09 -14.76
N VAL B 229 -8.79 -2.53 -15.20
CA VAL B 229 -8.27 -2.80 -16.54
C VAL B 229 -7.29 -3.95 -16.51
N LEU B 230 -7.44 -4.87 -17.45
CA LEU B 230 -6.63 -6.08 -17.46
C LEU B 230 -5.65 -6.12 -18.65
N PHE B 231 -4.35 -6.05 -18.34
CA PHE B 231 -3.31 -6.15 -19.37
C PHE B 231 -2.68 -7.53 -19.31
N VAL B 232 -2.29 -8.08 -20.47
CA VAL B 232 -1.54 -9.33 -20.49
C VAL B 232 -0.39 -9.08 -21.47
N SER B 233 0.80 -9.56 -21.12
CA SER B 233 1.95 -9.43 -22.08
C SER B 233 2.92 -10.53 -21.85
N GLY B 234 3.82 -10.67 -22.83
CA GLY B 234 4.88 -11.66 -22.80
C GLY B 234 4.80 -12.64 -23.96
N ASN B 235 5.76 -12.50 -24.86
CA ASN B 235 5.84 -13.42 -26.02
C ASN B 235 4.63 -13.43 -26.92
N VAL B 236 3.97 -12.28 -27.02
CA VAL B 236 2.87 -12.15 -27.98
C VAL B 236 3.53 -11.73 -29.29
N ARG B 237 3.35 -12.55 -30.34
CA ARG B 237 4.01 -12.25 -31.61
C ARG B 237 3.14 -12.45 -32.82
N SER B 238 1.86 -12.71 -32.59
CA SER B 238 0.96 -12.94 -33.71
C SER B 238 -0.42 -12.35 -33.43
N GLY B 239 -1.16 -12.05 -34.48
CA GLY B 239 -2.50 -11.51 -34.28
C GLY B 239 -3.39 -12.59 -33.68
N ARG B 240 -3.10 -13.88 -33.94
CA ARG B 240 -3.93 -14.96 -33.39
C ARG B 240 -3.86 -14.93 -31.85
N GLN B 241 -2.66 -14.69 -31.34
CA GLN B 241 -2.50 -14.62 -29.89
C GLN B 241 -3.24 -13.42 -29.32
N VAL B 242 -3.17 -12.26 -29.98
CA VAL B 242 -3.85 -11.08 -29.48
C VAL B 242 -5.35 -11.40 -29.44
N THR B 243 -5.88 -12.00 -30.53
CA THR B 243 -7.33 -12.32 -30.52
C THR B 243 -7.72 -13.28 -29.43
N GLU B 244 -6.91 -14.31 -29.25
CA GLU B 244 -7.23 -15.28 -28.21
C GLU B 244 -7.26 -14.59 -26.81
N TYR B 245 -6.27 -13.73 -26.53
CA TYR B 245 -6.31 -13.03 -25.24
C TYR B 245 -7.47 -12.06 -25.12
N LEU B 246 -7.82 -11.33 -26.17
CA LEU B 246 -8.96 -10.44 -26.09
C LEU B 246 -10.25 -11.25 -25.86
N ASP B 247 -10.38 -12.37 -26.58
CA ASP B 247 -11.54 -13.23 -26.42
C ASP B 247 -11.60 -13.78 -24.99
N SER B 248 -10.45 -13.91 -24.34
CA SER B 248 -10.37 -14.41 -22.98
C SER B 248 -10.65 -13.33 -21.95
N GLY B 249 -10.83 -12.07 -22.36
CA GLY B 249 -11.15 -11.03 -21.41
C GLY B 249 -10.11 -9.93 -21.23
N ALA B 250 -8.97 -10.07 -21.88
CA ALA B 250 -7.99 -8.98 -21.71
C ALA B 250 -8.49 -7.67 -22.29
N ASP B 251 -8.21 -6.58 -21.59
CA ASP B 251 -8.52 -5.26 -22.15
C ASP B 251 -7.40 -4.87 -23.12
N TYR B 252 -6.15 -5.13 -22.74
CA TYR B 252 -5.02 -4.74 -23.59
C TYR B 252 -4.01 -5.87 -23.66
N VAL B 253 -3.45 -6.11 -24.86
CA VAL B 253 -2.47 -7.17 -25.02
C VAL B 253 -1.17 -6.50 -25.44
N GLY B 254 -0.17 -6.57 -24.55
CA GLY B 254 1.07 -5.89 -24.85
C GLY B 254 2.08 -6.71 -25.61
N PHE B 255 2.88 -6.03 -26.40
CA PHE B 255 3.94 -6.69 -27.14
C PHE B 255 5.10 -5.74 -27.41
N ALA B 256 6.32 -6.22 -27.09
CA ALA B 256 7.51 -5.41 -27.31
C ALA B 256 8.44 -6.05 -28.31
N GLY B 257 8.91 -7.23 -27.94
CA GLY B 257 9.92 -7.90 -28.74
C GLY B 257 9.60 -8.18 -30.18
N ALA B 258 8.34 -8.46 -30.50
CA ALA B 258 7.97 -8.72 -31.89
C ALA B 258 8.41 -7.60 -32.83
N LEU B 259 8.53 -6.37 -32.33
CA LEU B 259 8.90 -5.29 -33.24
C LEU B 259 10.37 -4.84 -33.15
N GLU B 260 11.16 -5.59 -32.39
CA GLU B 260 12.59 -5.25 -32.21
C GLU B 260 13.40 -5.96 -33.28
N GLN B 261 13.08 -5.61 -34.51
CA GLN B 261 13.75 -6.23 -35.67
C GLN B 261 13.54 -5.32 -36.85
N PRO B 262 14.32 -5.49 -37.91
CA PRO B 262 14.16 -4.59 -39.07
C PRO B 262 12.84 -4.57 -39.81
N ASP B 263 12.17 -5.72 -39.91
CA ASP B 263 10.91 -5.88 -40.61
C ASP B 263 9.76 -5.63 -39.62
N TRP B 264 9.92 -4.68 -38.69
CA TRP B 264 8.82 -4.49 -37.73
C TRP B 264 7.50 -4.02 -38.35
N ARG B 265 7.57 -3.27 -39.45
CA ARG B 265 6.31 -2.81 -40.03
C ARG B 265 5.41 -3.98 -40.43
N SER B 266 5.99 -5.06 -40.97
CA SER B 266 5.19 -6.21 -41.39
C SER B 266 4.63 -6.91 -40.18
N ALA B 267 5.49 -7.05 -39.17
CA ALA B 267 5.07 -7.72 -37.94
C ALA B 267 3.94 -6.97 -37.24
N LEU B 268 4.05 -5.63 -37.22
CA LEU B 268 3.05 -4.79 -36.59
C LEU B 268 1.73 -4.95 -37.34
N ALA B 269 1.76 -4.92 -38.65
CA ALA B 269 0.53 -5.11 -39.41
C ALA B 269 -0.18 -6.45 -39.09
N GLU B 270 0.59 -7.52 -39.00
CA GLU B 270 0.03 -8.83 -38.72
C GLU B 270 -0.53 -8.89 -37.28
N ILE B 271 0.21 -8.36 -36.31
CA ILE B 271 -0.28 -8.43 -34.95
C ILE B 271 -1.52 -7.59 -34.72
N ALA B 272 -1.59 -6.46 -35.42
CA ALA B 272 -2.72 -5.55 -35.30
C ALA B 272 -3.79 -5.82 -36.36
N GLY B 273 -3.62 -6.87 -37.17
CA GLY B 273 -4.56 -7.13 -38.26
C GLY B 273 -5.77 -7.94 -37.87
#